data_4X2R
#
_entry.id   4X2R
#
_cell.length_a   76.020
_cell.length_b   76.020
_cell.length_c   43.179
_cell.angle_alpha   90.00
_cell.angle_beta   90.00
_cell.angle_gamma   90.00
#
_symmetry.space_group_name_H-M   'P 41'
#
loop_
_entity.id
_entity.type
_entity.pdbx_description
1 polymer '1-(5-phosphoribosyl)-5-[(5-phosphoribosylamino)methylideneamino] imidazole-4-carboxamide isomerase'
2 non-polymer 'PHOSPHATE ION'
3 non-polymer '3-CYCLOHEXYL-1-PROPYLSULFONIC ACID'
4 water water
#
_entity_poly.entity_id   1
_entity_poly.type   'polypeptide(L)'
_entity_poly.pdbx_seq_one_letter_code
;SNAMLTLLPAVDVADGKAVRLLQGEAGSETDYGSPIEAARDWVEAGAEWIHLVDLDAAFGRGSNAPLLERIVGEVGIKVE
LSGGIRDDASLTRALKAGAARVNLGTAALEDPQWTARVIAEHGEKIAVGLDVRGTTLAARGWTKEGGDLWQTLDRLNEAG
CRRYVVTDVTKDGTLTGPNTELLRQVAARTSAPVVASGGISSLEDIAALARLVPQGVDSAIVGKALYNGNFTLPQALAVA
GGAAVQDVQA
;
_entity_poly.pdbx_strand_id   A
#
loop_
_chem_comp.id
_chem_comp.type
_chem_comp.name
_chem_comp.formula
CXS non-polymer '3-CYCLOHEXYL-1-PROPYLSULFONIC ACID' 'C9 H19 N O3 S'
PO4 non-polymer 'PHOSPHATE ION' 'O4 P -3'
#
# COMPACT_ATOMS: atom_id res chain seq x y z
N ALA A 3 12.81 -1.59 14.60
CA ALA A 3 11.52 -0.89 14.81
C ALA A 3 10.36 -1.86 14.52
N MET A 4 9.26 -1.68 15.24
CA MET A 4 8.10 -2.56 15.07
C MET A 4 7.59 -2.56 13.65
N LEU A 5 6.71 -3.53 13.33
CA LEU A 5 5.90 -3.50 12.12
C LEU A 5 5.18 -2.17 12.04
N THR A 6 5.33 -1.46 10.95
CA THR A 6 4.62 -0.21 10.72
C THR A 6 3.30 -0.48 10.00
N LEU A 7 2.19 -0.10 10.59
CA LEU A 7 0.93 -0.17 9.88
C LEU A 7 0.66 1.07 9.05
N LEU A 8 0.14 0.85 7.86
CA LEU A 8 -0.37 1.92 7.02
C LEU A 8 -1.84 1.67 6.81
N PRO A 9 -2.74 2.22 7.63
CA PRO A 9 -4.15 2.13 7.31
C PRO A 9 -4.39 2.75 5.97
N ALA A 10 -5.27 2.15 5.17
CA ALA A 10 -5.53 2.60 3.82
C ALA A 10 -6.70 3.54 3.74
N VAL A 11 -6.63 4.46 2.79
CA VAL A 11 -7.76 5.24 2.31
C VAL A 11 -7.71 5.19 0.80
N ASP A 12 -8.63 4.44 0.20
CA ASP A 12 -8.72 4.28 -1.25
C ASP A 12 -9.92 5.09 -1.71
N VAL A 13 -9.71 5.89 -2.74
CA VAL A 13 -10.70 6.86 -3.19
C VAL A 13 -11.19 6.52 -4.58
N ALA A 14 -12.52 6.42 -4.71
CA ALA A 14 -13.14 6.23 -6.02
C ALA A 14 -14.41 7.08 -6.01
N ASP A 15 -14.60 7.88 -7.04
CA ASP A 15 -15.78 8.74 -7.14
C ASP A 15 -15.92 9.59 -5.89
N GLY A 16 -14.81 10.10 -5.36
CA GLY A 16 -14.87 10.97 -4.20
C GLY A 16 -15.18 10.32 -2.88
N LYS A 17 -15.25 9.00 -2.84
CA LYS A 17 -15.63 8.26 -1.64
C LYS A 17 -14.49 7.36 -1.19
N ALA A 18 -14.43 7.10 0.11
CA ALA A 18 -13.56 6.06 0.65
C ALA A 18 -14.23 4.71 0.38
N VAL A 19 -13.53 3.84 -0.33
CA VAL A 19 -14.10 2.57 -0.72
C VAL A 19 -13.12 1.45 -0.45
N ARG A 20 -13.63 0.22 -0.48
CA ARG A 20 -12.78 -0.97 -0.61
C ARG A 20 -13.27 -1.79 -1.81
N LEU A 21 -12.32 -2.33 -2.55
CA LEU A 21 -12.58 -3.24 -3.65
C LEU A 21 -12.40 -4.67 -3.19
N LEU A 22 -12.95 -5.61 -3.93
CA LEU A 22 -12.75 -7.03 -3.71
C LEU A 22 -11.89 -7.55 -4.88
N GLN A 23 -10.75 -8.14 -4.52
CA GLN A 23 -9.80 -8.72 -5.46
C GLN A 23 -9.42 -7.70 -6.50
N GLY A 24 -9.35 -6.44 -6.09
CA GLY A 24 -8.87 -5.38 -6.94
C GLY A 24 -9.76 -5.03 -8.11
N GLU A 25 -11.00 -5.51 -8.12
CA GLU A 25 -11.87 -5.33 -9.29
C GLU A 25 -12.62 -4.01 -9.27
N ALA A 26 -12.51 -3.17 -10.28
N ALA A 26 -12.40 -3.24 -10.31
CA ALA A 26 -13.10 -1.83 -10.19
CA ALA A 26 -13.20 -2.06 -10.57
C ALA A 26 -14.63 -1.79 -9.92
C ALA A 26 -14.64 -2.53 -10.67
N GLY A 27 -15.35 -2.79 -10.39
N GLY A 27 -15.53 -1.73 -10.09
CA GLY A 27 -16.79 -2.77 -10.28
CA GLY A 27 -16.92 -2.07 -10.01
C GLY A 27 -17.26 -3.28 -8.94
C GLY A 27 -17.31 -2.78 -8.72
N SER A 28 -16.34 -3.35 -7.98
CA SER A 28 -16.63 -4.09 -6.75
C SER A 28 -16.55 -3.26 -5.49
N GLU A 29 -16.75 -1.96 -5.59
CA GLU A 29 -16.58 -1.11 -4.44
C GLU A 29 -17.70 -1.20 -3.40
N THR A 30 -17.26 -1.11 -2.15
CA THR A 30 -18.14 -0.82 -1.04
C THR A 30 -17.77 0.56 -0.54
N ASP A 31 -18.78 1.40 -0.40
CA ASP A 31 -18.63 2.79 0.01
C ASP A 31 -18.64 2.92 1.52
N TYR A 32 -17.64 3.59 2.05
CA TYR A 32 -17.45 3.83 3.47
C TYR A 32 -17.40 5.33 3.78
N GLY A 33 -17.93 6.15 2.91
CA GLY A 33 -18.10 7.56 3.25
C GLY A 33 -16.95 8.45 2.84
N SER A 34 -16.71 9.49 3.62
CA SER A 34 -15.77 10.50 3.25
C SER A 34 -14.32 10.06 3.42
N PRO A 35 -13.47 10.26 2.40
CA PRO A 35 -12.06 9.93 2.58
C PRO A 35 -11.33 10.83 3.57
N ILE A 36 -11.66 12.11 3.61
CA ILE A 36 -10.95 12.95 4.57
C ILE A 36 -11.35 12.55 5.99
N GLU A 37 -12.62 12.16 6.22
N GLU A 37 -12.61 12.15 6.23
CA GLU A 37 -12.99 11.68 7.54
CA GLU A 37 -12.97 11.69 7.57
C GLU A 37 -12.26 10.40 7.92
C GLU A 37 -12.27 10.39 7.93
N ALA A 38 -12.12 9.48 6.97
CA ALA A 38 -11.38 8.26 7.24
C ALA A 38 -9.93 8.57 7.61
N ALA A 39 -9.29 9.46 6.84
CA ALA A 39 -7.92 9.82 7.12
C ALA A 39 -7.78 10.45 8.50
N ARG A 40 -8.71 11.35 8.84
CA ARG A 40 -8.68 11.97 10.17
C ARG A 40 -8.83 10.92 11.27
N ASP A 41 -9.69 9.94 11.05
CA ASP A 41 -9.85 8.86 12.00
C ASP A 41 -8.54 8.13 12.20
N TRP A 42 -7.80 7.86 11.14
CA TRP A 42 -6.55 7.14 11.30
C TRP A 42 -5.53 7.96 12.05
N VAL A 43 -5.46 9.26 11.79
CA VAL A 43 -4.55 10.11 12.55
C VAL A 43 -4.92 10.06 14.02
N GLU A 44 -6.20 10.21 14.33
CA GLU A 44 -6.64 10.26 15.71
C GLU A 44 -6.43 8.93 16.47
N ALA A 45 -6.31 7.84 15.72
CA ALA A 45 -6.03 6.52 16.28
C ALA A 45 -4.55 6.27 16.54
N GLY A 46 -3.69 7.19 16.14
CA GLY A 46 -2.28 7.05 16.37
C GLY A 46 -1.46 6.53 15.21
N ALA A 47 -2.00 6.54 13.99
CA ALA A 47 -1.20 6.15 12.84
C ALA A 47 0.01 7.06 12.65
N GLU A 48 1.11 6.48 12.20
N GLU A 48 1.09 6.47 12.18
CA GLU A 48 2.27 7.19 11.70
CA GLU A 48 2.24 7.22 11.74
C GLU A 48 2.21 7.48 10.21
C GLU A 48 2.19 7.50 10.23
N TRP A 49 1.51 6.62 9.50
CA TRP A 49 1.39 6.64 8.04
C TRP A 49 -0.03 6.40 7.65
N ILE A 50 -0.42 6.93 6.50
CA ILE A 50 -1.59 6.50 5.77
C ILE A 50 -1.17 6.12 4.37
N HIS A 51 -1.78 5.07 3.83
CA HIS A 51 -1.60 4.68 2.44
C HIS A 51 -2.84 5.18 1.67
N LEU A 52 -2.64 6.17 0.83
CA LEU A 52 -3.72 6.90 0.18
C LEU A 52 -3.68 6.61 -1.31
N VAL A 53 -4.77 6.07 -1.85
CA VAL A 53 -4.80 5.61 -3.21
C VAL A 53 -5.91 6.29 -3.98
N ASP A 54 -5.58 6.78 -5.18
CA ASP A 54 -6.57 7.28 -6.14
C ASP A 54 -6.94 6.12 -7.06
N LEU A 55 -8.04 5.43 -6.76
CA LEU A 55 -8.38 4.26 -7.54
C LEU A 55 -8.81 4.63 -8.94
N ASP A 56 -9.48 5.75 -9.11
CA ASP A 56 -9.88 6.14 -10.45
C ASP A 56 -8.65 6.36 -11.32
N ALA A 57 -7.65 7.03 -10.78
CA ALA A 57 -6.40 7.21 -11.50
C ALA A 57 -5.67 5.90 -11.69
N ALA A 58 -5.67 5.03 -10.70
CA ALA A 58 -5.00 3.73 -10.82
C ALA A 58 -5.55 2.93 -12.00
N PHE A 59 -6.85 3.00 -12.22
CA PHE A 59 -7.54 2.31 -13.31
C PHE A 59 -7.50 3.07 -14.63
N GLY A 60 -6.82 4.21 -14.64
CA GLY A 60 -6.71 4.99 -15.85
C GLY A 60 -8.09 5.39 -16.27
N ARG A 61 -8.89 5.85 -15.33
CA ARG A 61 -10.23 6.17 -15.61
C ARG A 61 -10.65 7.32 -14.69
N GLY A 62 -10.15 8.53 -14.95
CA GLY A 62 -10.43 9.70 -14.14
C GLY A 62 -9.42 9.91 -13.04
N SER A 63 -9.80 10.74 -12.07
CA SER A 63 -8.92 11.13 -11.00
C SER A 63 -9.68 11.81 -9.89
N ASN A 64 -9.08 11.78 -8.71
CA ASN A 64 -9.51 12.48 -7.52
C ASN A 64 -8.40 13.37 -6.96
N ALA A 65 -7.51 13.84 -7.82
CA ALA A 65 -6.28 14.44 -7.34
C ALA A 65 -6.47 15.59 -6.34
N PRO A 66 -7.36 16.56 -6.60
CA PRO A 66 -7.49 17.64 -5.61
C PRO A 66 -7.88 17.14 -4.23
N LEU A 67 -8.75 16.15 -4.20
CA LEU A 67 -9.20 15.60 -2.93
C LEU A 67 -8.03 14.94 -2.18
N LEU A 68 -7.23 14.15 -2.91
CA LEU A 68 -6.07 13.55 -2.28
C LEU A 68 -5.08 14.61 -1.81
N GLU A 69 -4.87 15.67 -2.60
CA GLU A 69 -3.99 16.76 -2.19
C GLU A 69 -4.44 17.39 -0.90
N ARG A 70 -5.75 17.59 -0.79
CA ARG A 70 -6.27 18.16 0.45
C ARG A 70 -5.96 17.28 1.64
N ILE A 71 -6.13 15.97 1.48
CA ILE A 71 -5.85 15.04 2.56
C ILE A 71 -4.38 15.11 2.95
N VAL A 72 -3.50 14.99 1.97
CA VAL A 72 -2.06 15.00 2.27
C VAL A 72 -1.67 16.28 3.00
N GLY A 73 -2.23 17.40 2.57
CA GLY A 73 -1.88 18.66 3.16
C GLY A 73 -2.42 18.84 4.55
N GLU A 74 -3.55 18.26 4.87
CA GLU A 74 -4.17 18.43 6.16
C GLU A 74 -3.66 17.50 7.24
N VAL A 75 -3.29 16.28 6.89
N VAL A 75 -3.42 16.19 6.95
CA VAL A 75 -2.76 15.47 7.93
CA VAL A 75 -3.33 15.13 8.02
C VAL A 75 -1.31 15.80 8.19
C VAL A 75 -2.14 15.22 8.99
N GLY A 76 -0.92 15.76 9.45
N GLY A 76 -1.05 15.85 8.55
CA GLY A 76 0.42 16.07 9.84
CA GLY A 76 0.14 16.03 9.40
C GLY A 76 1.27 14.84 9.86
C GLY A 76 1.22 14.91 9.41
N ILE A 77 0.74 13.67 9.47
CA ILE A 77 1.55 12.48 9.45
C ILE A 77 1.99 12.15 8.02
N LYS A 78 2.76 11.09 7.87
CA LYS A 78 3.32 10.71 6.60
C LYS A 78 2.29 10.01 5.75
N VAL A 79 2.26 10.36 4.47
CA VAL A 79 1.36 9.73 3.51
C VAL A 79 2.13 9.09 2.38
N GLU A 80 1.81 7.84 2.10
CA GLU A 80 2.24 7.13 0.91
C GLU A 80 1.12 7.24 -0.10
N LEU A 81 1.41 7.88 -1.22
CA LEU A 81 0.43 8.17 -2.27
C LEU A 81 0.61 7.26 -3.46
N SER A 82 -0.50 6.71 -3.96
CA SER A 82 -0.48 5.79 -5.07
C SER A 82 -1.66 6.08 -5.99
N GLY A 83 -1.49 5.75 -7.26
CA GLY A 83 -2.55 5.73 -8.25
C GLY A 83 -2.27 6.77 -9.31
N GLY A 84 -1.96 6.29 -10.49
CA GLY A 84 -1.72 7.17 -11.61
C GLY A 84 -0.38 7.88 -11.63
N ILE A 85 0.57 7.42 -10.83
N ILE A 85 0.58 7.42 -10.85
CA ILE A 85 1.88 8.06 -10.80
CA ILE A 85 1.89 8.09 -10.86
C ILE A 85 2.71 7.35 -11.83
C ILE A 85 2.71 7.47 -11.97
N ARG A 86 2.78 7.95 -13.03
N ARG A 86 2.66 8.06 -13.16
CA ARG A 86 3.29 7.26 -14.21
CA ARG A 86 3.12 7.34 -14.35
C ARG A 86 4.04 8.17 -15.21
C ARG A 86 4.12 8.13 -15.16
N ASP A 87 4.28 9.43 -14.85
CA ASP A 87 5.08 10.31 -15.65
C ASP A 87 5.58 11.48 -14.82
N ASP A 88 6.41 12.33 -15.42
CA ASP A 88 6.99 13.42 -14.67
C ASP A 88 5.92 14.35 -14.07
N ALA A 89 4.89 14.68 -14.84
CA ALA A 89 3.89 15.63 -14.36
C ALA A 89 3.20 15.11 -13.10
N SER A 90 2.80 13.86 -13.16
CA SER A 90 2.09 13.24 -12.05
C SER A 90 2.99 13.00 -10.83
N LEU A 91 4.22 12.60 -11.06
CA LEU A 91 5.16 12.46 -9.98
C LEU A 91 5.44 13.79 -9.31
N THR A 92 5.69 14.82 -10.12
CA THR A 92 5.93 16.15 -9.60
C THR A 92 4.78 16.61 -8.74
N ARG A 93 3.57 16.39 -9.24
CA ARG A 93 2.38 16.81 -8.51
C ARG A 93 2.29 16.09 -7.15
N ALA A 94 2.54 14.80 -7.16
CA ALA A 94 2.43 14.01 -5.93
C ALA A 94 3.45 14.48 -4.89
N LEU A 95 4.68 14.75 -5.34
CA LEU A 95 5.70 15.22 -4.42
C LEU A 95 5.40 16.62 -3.89
N LYS A 96 4.94 17.50 -4.78
CA LYS A 96 4.57 18.86 -4.39
C LYS A 96 3.43 18.88 -3.40
N ALA A 97 2.57 17.88 -3.50
CA ALA A 97 1.42 17.74 -2.59
C ALA A 97 1.88 17.48 -1.17
N GLY A 98 3.11 17.01 -1.02
CA GLY A 98 3.64 16.71 0.28
C GLY A 98 3.71 15.23 0.64
N ALA A 99 3.53 14.34 -0.33
CA ALA A 99 3.63 12.93 -0.04
C ALA A 99 5.00 12.58 0.53
N ALA A 100 5.03 11.73 1.55
CA ALA A 100 6.27 11.22 2.11
C ALA A 100 6.87 10.16 1.21
N ARG A 101 6.04 9.45 0.49
CA ARG A 101 6.44 8.40 -0.42
C ARG A 101 5.40 8.33 -1.51
N VAL A 102 5.85 7.95 -2.69
N VAL A 102 5.83 7.93 -2.72
CA VAL A 102 4.91 7.57 -3.70
CA VAL A 102 4.98 7.82 -3.90
C VAL A 102 5.12 6.15 -4.09
C VAL A 102 5.20 6.45 -4.53
N ASN A 103 4.12 5.66 -4.76
CA ASN A 103 4.18 4.30 -5.31
C ASN A 103 3.98 4.34 -6.80
N LEU A 104 4.89 3.75 -7.53
CA LEU A 104 4.75 3.49 -8.96
C LEU A 104 4.21 2.09 -9.14
N GLY A 105 3.33 1.88 -10.09
CA GLY A 105 2.71 0.58 -10.32
C GLY A 105 2.85 0.23 -11.79
N THR A 106 1.87 0.62 -12.61
CA THR A 106 1.92 0.31 -14.05
C THR A 106 3.20 0.83 -14.71
N ALA A 107 3.66 2.03 -14.32
CA ALA A 107 4.87 2.60 -14.91
C ALA A 107 6.07 1.71 -14.78
N ALA A 108 6.17 0.98 -13.66
CA ALA A 108 7.32 0.13 -13.40
C ALA A 108 7.34 -0.98 -14.41
N LEU A 109 6.17 -1.31 -14.94
CA LEU A 109 6.09 -2.35 -15.97
C LEU A 109 6.19 -1.79 -17.40
N GLU A 110 5.52 -0.67 -17.63
CA GLU A 110 5.40 -0.13 -18.98
C GLU A 110 6.54 0.79 -19.37
N ASP A 111 7.18 1.43 -18.42
CA ASP A 111 8.23 2.40 -18.71
C ASP A 111 9.40 2.14 -17.79
N PRO A 112 10.12 1.04 -18.04
CA PRO A 112 11.25 0.71 -17.18
C PRO A 112 12.33 1.79 -17.14
N GLN A 113 12.54 2.48 -18.25
CA GLN A 113 13.55 3.52 -18.31
C GLN A 113 13.20 4.68 -17.41
N TRP A 114 11.97 5.18 -17.53
CA TRP A 114 11.51 6.27 -16.68
C TRP A 114 11.58 5.84 -15.22
N THR A 115 11.11 4.63 -14.93
CA THR A 115 11.11 4.16 -13.56
C THR A 115 12.50 4.15 -12.96
N ALA A 116 13.48 3.65 -13.71
CA ALA A 116 14.84 3.64 -13.21
C ALA A 116 15.34 5.06 -12.98
N ARG A 117 15.01 5.99 -13.88
CA ARG A 117 15.42 7.36 -13.70
C ARG A 117 14.84 7.97 -12.42
N VAL A 118 13.55 7.74 -12.20
N VAL A 118 13.55 7.77 -12.15
CA VAL A 118 12.86 8.26 -11.03
CA VAL A 118 12.97 8.43 -11.00
C VAL A 118 13.50 7.73 -9.76
C VAL A 118 13.40 7.73 -9.69
N ILE A 119 13.73 6.43 -9.73
CA ILE A 119 14.37 5.79 -8.60
C ILE A 119 15.72 6.43 -8.31
N ALA A 120 16.51 6.68 -9.34
CA ALA A 120 17.83 7.25 -9.13
C ALA A 120 17.74 8.68 -8.58
N GLU A 121 16.74 9.43 -9.01
CA GLU A 121 16.63 10.82 -8.61
C GLU A 121 16.00 11.02 -7.24
N HIS A 122 15.02 10.20 -6.88
CA HIS A 122 14.17 10.49 -5.72
C HIS A 122 14.36 9.54 -4.54
N GLY A 123 15.16 8.48 -4.74
CA GLY A 123 15.57 7.62 -3.65
C GLY A 123 14.41 7.11 -2.82
N GLU A 124 14.46 7.39 -1.52
CA GLU A 124 13.51 6.82 -0.56
C GLU A 124 12.10 7.38 -0.70
N LYS A 125 11.90 8.43 -1.51
CA LYS A 125 10.54 8.86 -1.80
C LYS A 125 9.81 7.94 -2.75
N ILE A 126 10.49 6.97 -3.35
CA ILE A 126 9.88 6.12 -4.35
C ILE A 126 9.77 4.68 -3.86
N ALA A 127 8.59 4.09 -3.99
CA ALA A 127 8.40 2.65 -3.84
C ALA A 127 7.73 2.14 -5.09
N VAL A 128 7.86 0.85 -5.36
CA VAL A 128 7.18 0.21 -6.47
C VAL A 128 6.17 -0.78 -5.95
N GLY A 129 4.93 -0.65 -6.41
CA GLY A 129 3.89 -1.60 -6.12
C GLY A 129 3.90 -2.74 -7.10
N LEU A 130 4.00 -3.94 -6.59
CA LEU A 130 3.94 -5.19 -7.33
C LEU A 130 2.63 -5.87 -7.00
N ASP A 131 1.72 -5.85 -7.96
CA ASP A 131 0.39 -6.46 -7.83
C ASP A 131 0.43 -7.83 -8.46
N VAL A 132 0.38 -8.87 -7.64
CA VAL A 132 0.70 -10.20 -8.05
C VAL A 132 -0.54 -11.09 -8.12
N ARG A 133 -0.64 -11.85 -9.21
N ARG A 133 -0.70 -11.81 -9.24
CA ARG A 133 -1.60 -12.94 -9.35
CA ARG A 133 -1.59 -12.95 -9.35
C ARG A 133 -0.84 -14.20 -9.76
C ARG A 133 -0.77 -14.15 -9.73
N GLY A 134 -0.60 -15.05 -8.78
CA GLY A 134 0.28 -16.20 -9.00
C GLY A 134 1.73 -15.70 -9.01
N THR A 135 2.37 -15.65 -10.18
CA THR A 135 3.68 -15.00 -10.32
C THR A 135 3.64 -14.00 -11.46
N THR A 136 2.44 -13.63 -11.86
CA THR A 136 2.24 -12.70 -12.94
C THR A 136 1.83 -11.35 -12.37
N LEU A 137 2.37 -10.27 -12.91
CA LEU A 137 2.00 -8.94 -12.46
C LEU A 137 0.77 -8.43 -13.15
N ALA A 138 -0.13 -7.81 -12.38
CA ALA A 138 -1.36 -7.25 -12.90
C ALA A 138 -1.19 -5.76 -13.02
N ALA A 139 -1.85 -5.16 -14.00
CA ALA A 139 -1.86 -3.70 -14.16
C ALA A 139 -3.28 -3.17 -14.03
N ARG A 140 -3.53 -2.38 -12.98
CA ARG A 140 -4.81 -1.73 -12.76
C ARG A 140 -5.06 -0.73 -13.89
N GLY A 146 1.00 -8.13 -16.79
CA GLY A 146 1.96 -7.06 -16.70
C GLY A 146 3.39 -7.57 -16.57
N GLY A 147 3.58 -8.87 -16.76
CA GLY A 147 4.92 -9.45 -16.76
C GLY A 147 5.20 -10.45 -15.66
N ASP A 148 6.41 -11.00 -15.67
CA ASP A 148 6.82 -11.98 -14.68
C ASP A 148 7.34 -11.29 -13.42
N LEU A 149 6.82 -11.70 -12.28
CA LEU A 149 7.24 -11.12 -11.01
C LEU A 149 8.73 -11.16 -10.79
N TRP A 150 9.35 -12.32 -10.97
CA TRP A 150 10.74 -12.44 -10.58
C TRP A 150 11.67 -11.69 -11.52
N GLN A 151 11.40 -11.72 -12.81
CA GLN A 151 12.21 -10.91 -13.70
C GLN A 151 12.10 -9.42 -13.40
N THR A 152 10.90 -8.98 -13.08
CA THR A 152 10.67 -7.58 -12.81
C THR A 152 11.37 -7.18 -11.53
N LEU A 153 11.26 -8.01 -10.53
N LEU A 153 11.27 -8.01 -10.48
CA LEU A 153 11.92 -7.74 -9.31
CA LEU A 153 12.00 -7.74 -9.22
C LEU A 153 13.46 -7.63 -9.45
C LEU A 153 13.49 -7.59 -9.47
N ASP A 154 14.07 -8.52 -10.22
CA ASP A 154 15.51 -8.45 -10.48
C ASP A 154 15.87 -7.15 -11.18
N ARG A 155 15.09 -6.74 -12.16
CA ARG A 155 15.34 -5.49 -12.88
C ARG A 155 15.26 -4.29 -11.93
N LEU A 156 14.23 -4.26 -11.10
CA LEU A 156 14.06 -3.15 -10.18
C LEU A 156 15.16 -3.15 -9.11
N ASN A 157 15.61 -4.32 -8.68
CA ASN A 157 16.74 -4.36 -7.78
C ASN A 157 17.98 -3.78 -8.43
N GLU A 158 18.22 -4.12 -9.69
CA GLU A 158 19.35 -3.58 -10.40
C GLU A 158 19.26 -2.07 -10.55
N ALA A 159 18.04 -1.56 -10.69
CA ALA A 159 17.83 -0.14 -10.78
C ALA A 159 17.90 0.57 -9.41
N GLY A 160 18.06 -0.17 -8.32
CA GLY A 160 18.19 0.44 -7.02
C GLY A 160 16.89 0.77 -6.32
N CYS A 161 15.80 0.08 -6.64
CA CYS A 161 14.53 0.36 -5.97
C CYS A 161 14.70 0.20 -4.47
N ARG A 162 14.17 1.15 -3.72
CA ARG A 162 14.38 1.20 -2.28
C ARG A 162 13.28 0.57 -1.45
N ARG A 163 12.16 0.20 -2.07
CA ARG A 163 11.03 -0.35 -1.31
C ARG A 163 10.02 -0.91 -2.28
N TYR A 164 9.41 -2.04 -1.91
CA TYR A 164 8.34 -2.64 -2.68
C TYR A 164 7.09 -2.76 -1.82
N VAL A 165 5.95 -2.55 -2.46
CA VAL A 165 4.65 -2.87 -1.89
C VAL A 165 4.13 -4.10 -2.61
N VAL A 166 3.97 -5.21 -1.90
CA VAL A 166 3.61 -6.47 -2.53
C VAL A 166 2.20 -6.82 -2.19
N THR A 167 1.32 -6.84 -3.19
CA THR A 167 -0.07 -7.17 -3.02
C THR A 167 -0.40 -8.48 -3.71
N ASP A 168 -1.01 -9.43 -3.01
CA ASP A 168 -1.62 -10.61 -3.65
C ASP A 168 -3.03 -10.20 -4.03
N VAL A 169 -3.24 -9.93 -5.32
N VAL A 169 -3.23 -9.90 -5.32
CA VAL A 169 -4.54 -9.39 -5.76
CA VAL A 169 -4.50 -9.38 -5.77
C VAL A 169 -5.67 -10.37 -5.59
C VAL A 169 -5.63 -10.36 -5.49
N THR A 170 -5.33 -11.65 -5.51
CA THR A 170 -6.36 -12.65 -5.26
C THR A 170 -6.86 -12.61 -3.82
N LYS A 171 -6.08 -12.05 -2.92
CA LYS A 171 -6.45 -11.93 -1.53
C LYS A 171 -6.96 -10.57 -1.11
N ASP A 172 -6.69 -9.58 -1.92
N ASP A 172 -6.73 -9.60 -1.96
CA ASP A 172 -7.02 -8.21 -1.59
CA ASP A 172 -6.99 -8.24 -1.59
C ASP A 172 -8.52 -8.09 -1.30
C ASP A 172 -8.50 -8.04 -1.32
N GLY A 173 -8.84 -7.54 -0.14
CA GLY A 173 -10.21 -7.32 0.27
C GLY A 173 -10.98 -8.53 0.73
N THR A 174 -10.36 -9.71 0.72
CA THR A 174 -11.10 -10.94 0.91
C THR A 174 -11.19 -11.37 2.34
N LEU A 175 -10.35 -10.81 3.24
CA LEU A 175 -10.33 -11.19 4.62
C LEU A 175 -9.90 -12.70 4.80
N THR A 176 -9.13 -13.24 3.87
CA THR A 176 -8.64 -14.61 3.90
C THR A 176 -7.26 -14.78 4.52
N GLY A 177 -6.68 -13.70 4.97
CA GLY A 177 -5.34 -13.71 5.49
C GLY A 177 -4.32 -13.33 4.44
N PRO A 178 -3.21 -12.73 4.83
CA PRO A 178 -2.18 -12.35 3.87
C PRO A 178 -1.45 -13.55 3.29
N ASN A 179 -0.89 -13.38 2.11
CA ASN A 179 -0.07 -14.42 1.50
C ASN A 179 1.34 -14.32 2.04
N THR A 180 1.54 -14.92 3.22
CA THR A 180 2.82 -14.82 3.88
C THR A 180 3.92 -15.52 3.11
N GLU A 181 3.60 -16.61 2.41
CA GLU A 181 4.61 -17.26 1.60
C GLU A 181 5.16 -16.34 0.53
N LEU A 182 4.26 -15.68 -0.21
CA LEU A 182 4.70 -14.74 -1.23
C LEU A 182 5.56 -13.65 -0.63
N LEU A 183 5.12 -13.11 0.51
CA LEU A 183 5.88 -12.06 1.16
C LEU A 183 7.29 -12.52 1.51
N ARG A 184 7.41 -13.73 2.08
CA ARG A 184 8.71 -14.25 2.41
C ARG A 184 9.55 -14.44 1.16
N GLN A 185 8.93 -14.92 0.08
CA GLN A 185 9.65 -15.15 -1.17
C GLN A 185 10.20 -13.88 -1.76
N VAL A 186 9.37 -12.83 -1.79
CA VAL A 186 9.85 -11.57 -2.33
C VAL A 186 10.91 -10.95 -1.41
N ALA A 187 10.66 -10.93 -0.09
CA ALA A 187 11.62 -10.33 0.83
C ALA A 187 12.99 -11.01 0.71
N ALA A 188 13.00 -12.32 0.43
CA ALA A 188 14.27 -13.04 0.32
C ALA A 188 15.04 -12.66 -0.94
N ARG A 189 14.34 -12.11 -1.92
N ARG A 189 14.33 -12.17 -1.96
CA ARG A 189 14.90 -11.83 -3.23
CA ARG A 189 14.94 -11.84 -3.24
C ARG A 189 15.43 -10.41 -3.36
C ARG A 189 15.25 -10.37 -3.41
N THR A 190 15.28 -9.60 -2.32
CA THR A 190 15.69 -8.22 -2.40
C THR A 190 16.28 -7.78 -1.07
N SER A 191 17.15 -6.78 -1.08
N SER A 191 17.13 -6.77 -1.12
CA SER A 191 17.55 -6.16 0.19
CA SER A 191 17.60 -6.13 0.09
C SER A 191 16.58 -5.05 0.58
C SER A 191 16.73 -4.93 0.48
N ALA A 192 15.76 -4.57 -0.37
CA ALA A 192 14.83 -3.48 -0.06
C ALA A 192 13.74 -3.98 0.84
N PRO A 193 13.25 -3.12 1.74
CA PRO A 193 12.11 -3.51 2.56
C PRO A 193 10.83 -3.70 1.72
N VAL A 194 9.99 -4.56 2.25
CA VAL A 194 8.71 -4.92 1.66
C VAL A 194 7.58 -4.49 2.56
N VAL A 195 6.56 -3.88 1.94
CA VAL A 195 5.29 -3.58 2.56
C VAL A 195 4.28 -4.65 2.15
N ALA A 196 3.71 -5.34 3.14
CA ALA A 196 2.66 -6.32 2.87
C ALA A 196 1.34 -5.68 2.58
N SER A 197 0.60 -6.22 1.63
CA SER A 197 -0.73 -5.75 1.32
C SER A 197 -1.61 -6.88 0.81
N GLY A 198 -2.83 -6.92 1.31
CA GLY A 198 -3.87 -7.77 0.80
C GLY A 198 -4.19 -8.93 1.70
N GLY A 199 -5.43 -8.97 2.16
CA GLY A 199 -5.94 -10.13 2.83
C GLY A 199 -5.97 -10.05 4.34
N ILE A 200 -5.37 -9.05 4.97
CA ILE A 200 -5.38 -9.02 6.43
C ILE A 200 -6.82 -9.12 6.91
N SER A 201 -7.03 -9.95 7.94
CA SER A 201 -8.36 -10.16 8.44
C SER A 201 -8.46 -10.04 9.93
N SER A 202 -7.37 -10.21 10.64
CA SER A 202 -7.44 -10.45 12.07
C SER A 202 -6.25 -9.87 12.77
N LEU A 203 -6.36 -9.76 14.07
CA LEU A 203 -5.24 -9.39 14.89
C LEU A 203 -4.13 -10.45 14.82
N GLU A 204 -4.49 -11.73 14.72
N GLU A 204 -4.54 -11.72 14.72
CA GLU A 204 -3.44 -12.72 14.56
CA GLU A 204 -3.57 -12.79 14.54
C GLU A 204 -2.66 -12.55 13.26
C GLU A 204 -2.72 -12.58 13.28
N ASP A 205 -3.33 -12.12 12.20
CA ASP A 205 -2.60 -11.85 10.97
C ASP A 205 -1.57 -10.76 11.20
N ILE A 206 -1.92 -9.73 11.96
N ILE A 206 -1.96 -9.71 11.94
CA ILE A 206 -0.98 -8.66 12.23
CA ILE A 206 -1.02 -8.64 12.27
C ILE A 206 0.20 -9.17 13.05
C ILE A 206 0.18 -9.20 13.02
N ALA A 207 -0.07 -10.02 14.03
CA ALA A 207 1.01 -10.61 14.80
C ALA A 207 1.93 -11.46 13.91
N ALA A 208 1.36 -12.22 12.99
CA ALA A 208 2.17 -13.04 12.06
C ALA A 208 3.05 -12.19 11.17
N LEU A 209 2.51 -11.07 10.68
CA LEU A 209 3.30 -10.16 9.88
C LEU A 209 4.37 -9.51 10.72
N ALA A 210 4.09 -9.19 11.98
CA ALA A 210 5.09 -8.55 12.82
C ALA A 210 6.31 -9.47 13.01
N ARG A 211 6.13 -10.80 12.95
CA ARG A 211 7.23 -11.75 13.04
C ARG A 211 8.01 -11.88 11.73
N LEU A 212 7.62 -11.16 10.67
CA LEU A 212 8.35 -11.12 9.42
C LEU A 212 9.25 -9.91 9.32
N VAL A 213 9.20 -9.00 10.28
CA VAL A 213 10.03 -7.82 10.15
C VAL A 213 11.51 -8.17 10.01
N PRO A 214 12.03 -9.18 10.73
CA PRO A 214 13.45 -9.52 10.58
C PRO A 214 13.84 -10.07 9.24
N GLN A 215 12.87 -10.50 8.45
CA GLN A 215 13.10 -10.94 7.10
C GLN A 215 13.05 -9.81 6.08
N GLY A 216 12.60 -8.64 6.50
CA GLY A 216 12.49 -7.52 5.60
C GLY A 216 11.11 -7.08 5.27
N VAL A 217 10.08 -7.68 5.82
CA VAL A 217 8.70 -7.21 5.66
C VAL A 217 8.43 -6.27 6.80
N ASP A 218 8.68 -4.97 6.60
CA ASP A 218 8.74 -4.05 7.73
C ASP A 218 7.45 -3.29 7.99
N SER A 219 6.45 -3.47 7.12
N SER A 219 6.43 -3.49 7.16
CA SER A 219 5.24 -2.67 7.12
CA SER A 219 5.23 -2.73 7.27
C SER A 219 4.10 -3.48 6.56
C SER A 219 4.10 -3.46 6.56
N ALA A 220 2.88 -3.03 6.81
CA ALA A 220 1.71 -3.66 6.26
C ALA A 220 0.62 -2.63 6.06
N ILE A 221 -0.06 -2.68 4.92
CA ILE A 221 -1.21 -1.87 4.62
C ILE A 221 -2.44 -2.61 5.03
N VAL A 222 -3.35 -1.96 5.76
CA VAL A 222 -4.58 -2.57 6.25
C VAL A 222 -5.76 -1.82 5.70
N GLY A 223 -6.63 -2.53 4.96
CA GLY A 223 -7.80 -1.96 4.35
C GLY A 223 -9.08 -2.53 4.91
N LYS A 224 -9.62 -3.53 4.24
CA LYS A 224 -10.95 -4.02 4.53
C LYS A 224 -11.16 -4.36 6.00
N ALA A 225 -10.19 -4.96 6.68
CA ALA A 225 -10.43 -5.36 8.07
C ALA A 225 -10.81 -4.19 8.94
N LEU A 226 -10.21 -3.03 8.70
CA LEU A 226 -10.55 -1.82 9.45
C LEU A 226 -11.95 -1.30 9.08
N TYR A 227 -12.23 -1.17 7.79
CA TYR A 227 -13.53 -0.64 7.37
C TYR A 227 -14.66 -1.58 7.72
N ASN A 228 -14.38 -2.87 7.76
CA ASN A 228 -15.37 -3.88 8.14
C ASN A 228 -15.55 -3.99 9.64
N GLY A 229 -14.76 -3.26 10.43
CA GLY A 229 -14.92 -3.25 11.88
C GLY A 229 -14.37 -4.49 12.57
N ASN A 230 -13.49 -5.25 11.92
CA ASN A 230 -12.96 -6.46 12.55
C ASN A 230 -12.19 -6.12 13.82
N PHE A 231 -11.47 -5.01 13.79
CA PHE A 231 -10.73 -4.47 14.92
C PHE A 231 -10.59 -2.99 14.68
N THR A 232 -10.28 -2.23 15.72
CA THR A 232 -10.00 -0.82 15.58
C THR A 232 -8.53 -0.62 15.20
N LEU A 233 -8.21 0.55 14.71
CA LEU A 233 -6.80 0.82 14.42
C LEU A 233 -5.93 0.80 15.68
N PRO A 234 -6.39 1.35 16.82
CA PRO A 234 -5.55 1.19 18.03
C PRO A 234 -5.29 -0.24 18.40
N GLN A 235 -6.28 -1.12 18.24
CA GLN A 235 -6.07 -2.56 18.49
C GLN A 235 -4.97 -3.10 17.56
N ALA A 236 -5.06 -2.79 16.27
CA ALA A 236 -4.09 -3.27 15.33
C ALA A 236 -2.71 -2.73 15.63
N LEU A 237 -2.61 -1.44 15.94
CA LEU A 237 -1.33 -0.85 16.31
C LEU A 237 -0.77 -1.50 17.56
N ALA A 238 -1.61 -1.83 18.53
CA ALA A 238 -1.17 -2.50 19.74
C ALA A 238 -0.48 -3.81 19.41
N VAL A 239 -1.12 -4.63 18.59
CA VAL A 239 -0.55 -5.92 18.21
C VAL A 239 0.70 -5.72 17.36
N ALA A 240 0.69 -4.79 16.42
CA ALA A 240 1.87 -4.54 15.57
C ALA A 240 3.07 -4.16 16.43
N GLY A 241 2.82 -3.52 17.58
CA GLY A 241 3.84 -3.11 18.50
C GLY A 241 4.06 -4.02 19.70
N GLY A 242 3.58 -5.27 19.62
CA GLY A 242 3.92 -6.31 20.57
C GLY A 242 2.89 -6.73 21.59
N ALA A 243 1.74 -6.10 21.66
CA ALA A 243 0.69 -6.54 22.57
C ALA A 243 0.16 -7.92 22.15
N ALA A 244 -0.27 -8.69 23.14
CA ALA A 244 -0.79 -10.02 22.88
C ALA A 244 -2.15 -9.96 22.25
N VAL A 245 -2.35 -10.78 21.22
CA VAL A 245 -3.65 -10.84 20.54
C VAL A 245 -4.77 -11.13 21.51
N GLN A 246 -4.56 -12.08 22.41
CA GLN A 246 -5.63 -12.46 23.31
C GLN A 246 -6.05 -11.34 24.26
N ASP A 247 -5.12 -10.47 24.57
CA ASP A 247 -5.43 -9.31 25.39
C ASP A 247 -6.13 -8.23 24.58
N VAL A 248 -5.64 -7.97 23.38
CA VAL A 248 -6.20 -6.93 22.56
C VAL A 248 -7.61 -7.24 22.06
N GLN A 249 -7.86 -8.50 21.72
CA GLN A 249 -9.21 -8.91 21.32
C GLN A 249 -10.30 -8.36 22.27
N ALA A 250 -11.36 -7.81 21.69
CA ALA A 250 -12.46 -7.24 22.47
C ALA A 250 -13.24 -8.33 23.16
P PO4 B . -7.06 -5.31 2.14
O1 PO4 B . -8.36 -4.58 1.95
O2 PO4 B . -6.45 -5.00 3.50
O3 PO4 B . -6.00 -4.81 1.09
O4 PO4 B . -7.21 -6.82 1.91
P PO4 C . 2.57 19.81 2.89
O1 PO4 C . 2.16 20.87 3.85
O2 PO4 C . 4.00 19.40 3.05
O3 PO4 C . 2.36 20.33 1.46
O4 PO4 C . 1.68 18.63 3.03
P PO4 D . -4.90 -0.40 -1.77
O1 PO4 D . -5.13 0.60 -0.67
O2 PO4 D . -3.46 -0.26 -2.20
O3 PO4 D . -5.76 -0.09 -3.00
O4 PO4 D . -5.19 -1.80 -1.29
P PO4 E . -0.86 2.86 -11.00
O1 PO4 E . -2.05 3.42 -10.42
O2 PO4 E . 0.30 2.89 -10.02
O3 PO4 E . -0.65 3.38 -12.38
O4 PO4 E . -1.18 1.45 -11.33
S CXS F . 6.36 -10.90 22.60
O1 CXS F . 6.64 -10.20 23.84
O2 CXS F . 5.06 -11.86 22.78
O3 CXS F . 7.51 -11.65 22.17
C1 CXS F . 5.98 -9.80 21.38
C2 CXS F . 6.99 -8.65 21.18
C3 CXS F . 8.26 -9.04 20.41
N CXS F . 8.10 -9.40 19.00
C4 CXS F . 9.24 -9.41 18.05
C5 CXS F . 8.92 -10.11 16.74
C6 CXS F . 10.10 -10.07 15.77
C7 CXS F . 10.52 -8.64 15.49
C8 CXS F . 10.82 -7.89 16.78
C9 CXS F . 9.66 -7.97 17.75
#